data_4O27
#
_entry.id   4O27
#
_cell.length_a   119.111
_cell.length_b   119.111
_cell.length_c   149.258
_cell.angle_alpha   90.00
_cell.angle_beta   90.00
_cell.angle_gamma   90.00
#
_symmetry.space_group_name_H-M   'P 43 21 2'
#
loop_
_entity.id
_entity.type
_entity.pdbx_description
1 polymer 'Calcium-binding protein 39'
2 polymer 'Serine/threonine-protein kinase 24'
3 polymer '5-mer peptide from serine/threonine-protein kinase 24'
4 non-polymer "ADENOSINE-5'-DIPHOSPHATE"
5 non-polymer 'MANGANESE (II) ION'
#
loop_
_entity_poly.entity_id
_entity_poly.type
_entity_poly.pdbx_seq_one_letter_code
_entity_poly.pdbx_strand_id
1 'polypeptide(L)'
;MASPADIVKNLKESMAVLEKQDISDKKAEKATEEVSKNLVAMKEILYGTNEKEPQTEAVAQLAQELYNSGLLSTLVADLQ
LIDFEGKKDVAQIFNNILRRQIGTRTPTVEYICTQQNILFMLLKGYESPEIALNCGIMLRECIRHEPLAKIILWSEQFYD
FFRYVEMSTFDIASDAFATFKDLLTRHKLLSAEFLEQHYDRFFSEYEKLLHSENYVTKRQSLKLLGELLLDRHNFTIMTK
YISKPENLKLMMNLLRDKSRNIQFEAFHVFKVFVANPNKTQPILDILLKNQAKLIEFLSKFQNDRTEDEQFNDEKTYLVK
QIRDL
;
A
2 'polypeptide(L)'
;MADPEELFTKLEKIGKGSFGEVFKGIDNRTQKVVAIKIIDLEEAEDEIEDIQQEITVLSQCDSPYVTKYYGSYLKDTKLW
IIMEYLGGGSALDLLEPGPLDETQIATILREILKGLDYLHSEKKIHRDIKAANVLLSEHGEVKLADFGVAGQLTDTQIKR
NEFVGTPFWMAPEVIKQSAYDSKADIWSLGITAIELARGEPPHSELHPMKVLFLIPKNNPPTLEGNYSKPLKEFVEACLN
KEPSFRPTAKELLKHKFILRNAKKTSYLTELIDRYKRWKAE
;
B
3 'polypeptide(L)' DWIFE C
#
loop_
_chem_comp.id
_chem_comp.type
_chem_comp.name
_chem_comp.formula
ADP non-polymer ADENOSINE-5'-DIPHOSPHATE 'C10 H15 N5 O10 P2'
MN non-polymer 'MANGANESE (II) ION' 'Mn 2'
#
# COMPACT_ATOMS: atom_id res chain seq x y z
N MET A 1 -28.75 -22.83 5.24
CA MET A 1 -29.89 -22.42 4.43
C MET A 1 -29.48 -22.12 2.98
N ALA A 2 -28.79 -20.99 2.79
CA ALA A 2 -28.34 -20.49 1.48
C ALA A 2 -29.50 -20.02 0.58
N SER A 3 -29.76 -18.71 0.61
CA SER A 3 -30.79 -18.10 -0.23
C SER A 3 -30.13 -17.44 -1.46
N PRO A 4 -30.88 -16.69 -2.31
CA PRO A 4 -30.17 -16.09 -3.45
C PRO A 4 -30.11 -14.58 -3.50
N ALA A 5 -30.99 -13.95 -2.72
CA ALA A 5 -31.44 -12.58 -2.93
C ALA A 5 -32.45 -12.27 -1.84
N ASP A 6 -32.58 -13.22 -0.90
CA ASP A 6 -33.16 -12.94 0.41
C ASP A 6 -32.04 -12.36 1.23
N ILE A 7 -30.80 -12.58 0.77
CA ILE A 7 -29.63 -11.92 1.32
C ILE A 7 -29.69 -10.42 1.07
N VAL A 8 -30.14 -10.04 -0.13
CA VAL A 8 -30.29 -8.63 -0.46
C VAL A 8 -31.42 -8.02 0.37
N LYS A 9 -32.52 -8.76 0.52
CA LYS A 9 -33.64 -8.32 1.35
C LYS A 9 -33.21 -8.19 2.82
N ASN A 10 -32.31 -9.05 3.29
CA ASN A 10 -31.83 -8.98 4.68
C ASN A 10 -30.96 -7.77 4.94
N LEU A 11 -29.99 -7.55 4.06
CA LEU A 11 -29.06 -6.44 4.17
C LEU A 11 -29.82 -5.14 4.23
N LYS A 12 -30.73 -5.02 3.28
CA LYS A 12 -31.50 -3.81 3.09
C LYS A 12 -32.23 -3.51 4.39
N GLU A 13 -32.78 -4.54 5.01
CA GLU A 13 -33.61 -4.36 6.20
C GLU A 13 -32.79 -4.01 7.41
N SER A 14 -31.62 -4.62 7.55
CA SER A 14 -30.78 -4.44 8.72
C SER A 14 -30.20 -3.03 8.72
N MET A 15 -29.76 -2.60 7.55
CA MET A 15 -29.22 -1.25 7.36
C MET A 15 -30.23 -0.22 7.74
N ALA A 16 -31.50 -0.59 7.67
CA ALA A 16 -32.57 0.34 7.97
C ALA A 16 -32.63 0.52 9.47
N VAL A 17 -32.39 -0.55 10.20
CA VAL A 17 -32.37 -0.51 11.65
C VAL A 17 -31.23 0.37 12.11
N LEU A 18 -30.08 0.17 11.48
CA LEU A 18 -28.83 0.78 11.91
C LEU A 18 -28.83 2.29 11.74
N GLU A 19 -29.82 2.80 11.03
CA GLU A 19 -29.89 4.22 10.68
C GLU A 19 -31.04 4.93 11.39
N LYS A 20 -31.73 4.26 12.30
CA LYS A 20 -32.77 4.95 13.04
C LYS A 20 -32.24 5.27 14.44
N GLN A 21 -32.56 6.49 14.89
CA GLN A 21 -32.34 7.05 16.24
C GLN A 21 -31.53 6.22 17.27
N ASP A 22 -32.15 6.01 18.44
CA ASP A 22 -31.64 5.15 19.51
C ASP A 22 -32.19 3.73 19.37
N ILE A 23 -31.60 2.84 20.18
CA ILE A 23 -32.07 1.49 20.48
C ILE A 23 -30.83 0.74 21.00
N SER A 24 -29.83 1.52 21.40
CA SER A 24 -28.49 1.03 21.74
C SER A 24 -28.43 -0.07 22.81
N ASP A 25 -29.10 -1.18 22.51
CA ASP A 25 -29.07 -2.39 23.30
C ASP A 25 -29.69 -3.47 22.44
N LYS A 26 -29.39 -4.73 22.74
CA LYS A 26 -30.03 -5.89 22.08
C LYS A 26 -30.13 -5.76 20.56
N LYS A 27 -30.97 -4.81 20.10
CA LYS A 27 -31.38 -4.71 18.69
C LYS A 27 -30.38 -3.94 17.79
N ALA A 28 -29.78 -2.88 18.33
CA ALA A 28 -28.71 -2.22 17.62
C ALA A 28 -27.60 -3.20 17.39
N GLU A 29 -27.18 -3.87 18.44
CA GLU A 29 -26.08 -4.82 18.34
C GLU A 29 -26.44 -6.07 17.51
N LYS A 30 -27.69 -6.47 17.50
CA LYS A 30 -28.07 -7.65 16.73
C LYS A 30 -28.23 -7.32 15.26
N ALA A 31 -28.49 -6.06 14.95
CA ALA A 31 -28.55 -5.61 13.56
C ALA A 31 -27.15 -5.52 12.98
N THR A 32 -26.20 -5.03 13.78
CA THR A 32 -24.82 -4.95 13.36
C THR A 32 -24.22 -6.33 13.05
N GLU A 33 -24.66 -7.36 13.78
CA GLU A 33 -24.16 -8.73 13.53
C GLU A 33 -24.75 -9.30 12.24
N GLU A 34 -26.01 -8.95 11.95
CA GLU A 34 -26.69 -9.39 10.74
C GLU A 34 -26.08 -8.82 9.45
N VAL A 35 -25.69 -7.54 9.48
CA VAL A 35 -25.08 -6.91 8.32
C VAL A 35 -23.78 -7.61 8.02
N SER A 36 -23.05 -7.98 9.06
CA SER A 36 -21.79 -8.68 8.91
C SER A 36 -21.97 -10.01 8.18
N LYS A 37 -22.89 -10.83 8.68
CA LYS A 37 -23.06 -12.16 8.14
C LYS A 37 -23.46 -12.12 6.67
N ASN A 38 -24.31 -11.16 6.31
CA ASN A 38 -24.86 -11.09 4.96
C ASN A 38 -23.91 -10.48 3.94
N LEU A 39 -23.05 -9.57 4.39
CA LEU A 39 -22.04 -9.07 3.49
C LEU A 39 -21.11 -10.22 3.16
N VAL A 40 -20.95 -11.14 4.11
CA VAL A 40 -20.13 -12.31 3.86
C VAL A 40 -20.85 -13.29 2.95
N ALA A 41 -22.10 -13.61 3.29
CA ALA A 41 -22.98 -14.42 2.45
C ALA A 41 -22.94 -13.95 1.01
N MET A 42 -23.08 -12.64 0.87
CA MET A 42 -23.05 -11.95 -0.40
C MET A 42 -21.68 -12.01 -1.04
N LYS A 43 -20.65 -11.76 -0.26
CA LYS A 43 -19.29 -11.79 -0.79
C LYS A 43 -18.97 -13.18 -1.35
N GLU A 44 -19.53 -14.23 -0.78
CA GLU A 44 -19.17 -15.53 -1.31
C GLU A 44 -20.14 -16.02 -2.38
N ILE A 45 -21.18 -15.26 -2.67
CA ILE A 45 -21.91 -15.54 -3.91
C ILE A 45 -20.98 -15.26 -5.09
N LEU A 46 -20.26 -14.15 -5.01
CA LEU A 46 -19.44 -13.65 -6.12
C LEU A 46 -18.07 -14.31 -6.25
N TYR A 47 -17.51 -14.74 -5.12
CA TYR A 47 -16.19 -15.36 -5.11
C TYR A 47 -16.35 -16.84 -4.82
N GLY A 48 -16.99 -17.15 -3.71
CA GLY A 48 -17.41 -18.51 -3.46
C GLY A 48 -16.29 -19.44 -3.07
N THR A 49 -16.29 -19.82 -1.81
CA THR A 49 -15.34 -20.78 -1.26
C THR A 49 -15.32 -22.11 -2.04
N ASN A 50 -14.14 -22.72 -2.12
CA ASN A 50 -13.87 -24.01 -2.81
C ASN A 50 -14.96 -24.62 -3.73
N GLU A 51 -15.72 -23.76 -4.40
CA GLU A 51 -16.76 -24.14 -5.34
C GLU A 51 -17.02 -22.94 -6.23
N LYS A 52 -16.89 -23.11 -7.54
CA LYS A 52 -16.93 -22.00 -8.49
C LYS A 52 -18.16 -21.09 -8.28
N GLU A 53 -18.02 -19.83 -8.67
CA GLU A 53 -19.15 -18.92 -8.63
C GLU A 53 -20.10 -19.26 -9.80
N PRO A 54 -21.37 -19.57 -9.49
CA PRO A 54 -22.35 -19.96 -10.53
C PRO A 54 -22.77 -18.84 -11.47
N GLN A 55 -22.11 -18.72 -12.62
CA GLN A 55 -22.42 -17.68 -13.61
C GLN A 55 -23.88 -17.66 -14.03
N THR A 56 -24.77 -17.62 -13.04
CA THR A 56 -26.21 -17.67 -13.27
C THR A 56 -26.92 -17.35 -11.95
N GLU A 57 -27.41 -18.38 -11.26
CA GLU A 57 -28.07 -18.23 -9.95
C GLU A 57 -27.23 -17.40 -8.96
N ALA A 58 -25.97 -17.20 -9.26
CA ALA A 58 -25.12 -16.36 -8.44
C ALA A 58 -25.21 -14.92 -8.90
N VAL A 59 -24.35 -14.56 -9.84
CA VAL A 59 -24.17 -13.17 -10.19
C VAL A 59 -25.48 -12.49 -10.64
N ALA A 60 -26.26 -13.10 -11.54
CA ALA A 60 -27.34 -12.34 -12.14
C ALA A 60 -28.43 -12.09 -11.13
N GLN A 61 -28.86 -13.12 -10.41
CA GLN A 61 -29.94 -12.92 -9.46
C GLN A 61 -29.48 -11.88 -8.41
N LEU A 62 -28.20 -11.96 -8.05
CA LEU A 62 -27.59 -10.99 -7.14
C LEU A 62 -27.38 -9.63 -7.76
N ALA A 63 -26.82 -9.59 -8.97
CA ALA A 63 -26.65 -8.31 -9.66
C ALA A 63 -28.03 -7.69 -9.92
N GLN A 64 -28.98 -8.49 -10.40
CA GLN A 64 -30.30 -7.97 -10.66
C GLN A 64 -30.89 -7.38 -9.40
N GLU A 65 -30.88 -8.13 -8.30
CA GLU A 65 -31.52 -7.65 -7.07
C GLU A 65 -30.70 -6.55 -6.38
N LEU A 66 -29.43 -6.39 -6.74
CA LEU A 66 -28.70 -5.24 -6.21
C LEU A 66 -29.19 -3.94 -6.85
N TYR A 67 -29.45 -3.97 -8.16
CA TYR A 67 -29.94 -2.78 -8.87
C TYR A 67 -31.35 -2.41 -8.49
N ASN A 68 -32.26 -3.39 -8.51
CA ASN A 68 -33.68 -3.15 -8.20
C ASN A 68 -33.89 -2.70 -6.76
N SER A 69 -33.00 -3.07 -5.85
CA SER A 69 -33.18 -2.74 -4.43
C SER A 69 -32.49 -1.45 -4.02
N GLY A 70 -31.66 -0.95 -4.91
CA GLY A 70 -30.82 0.21 -4.62
C GLY A 70 -29.91 -0.03 -3.43
N LEU A 71 -29.53 -1.30 -3.21
CA LEU A 71 -28.73 -1.64 -2.05
C LEU A 71 -27.34 -1.04 -2.21
N LEU A 72 -26.84 -1.06 -3.44
CA LEU A 72 -25.56 -0.46 -3.76
C LEU A 72 -25.46 0.99 -3.29
N SER A 73 -26.52 1.78 -3.44
CA SER A 73 -26.49 3.12 -2.84
C SER A 73 -26.52 3.08 -1.32
N THR A 74 -27.40 2.25 -0.76
CA THR A 74 -27.62 2.28 0.67
C THR A 74 -26.34 1.94 1.37
N LEU A 75 -25.54 1.06 0.79
CA LEU A 75 -24.26 0.69 1.39
C LEU A 75 -23.23 1.83 1.27
N VAL A 76 -23.25 2.60 0.19
CA VAL A 76 -22.32 3.74 0.07
C VAL A 76 -22.81 4.93 0.90
N ALA A 77 -24.12 5.12 0.93
CA ALA A 77 -24.75 6.20 1.69
C ALA A 77 -24.72 5.99 3.20
N ASP A 78 -24.45 4.78 3.66
CA ASP A 78 -24.48 4.45 5.07
C ASP A 78 -23.21 3.72 5.44
N LEU A 79 -22.19 3.84 4.60
CA LEU A 79 -20.97 3.08 4.77
C LEU A 79 -20.43 3.28 6.16
N GLN A 80 -20.69 4.48 6.68
CA GLN A 80 -20.35 4.88 8.02
C GLN A 80 -20.74 3.85 9.10
N LEU A 81 -22.01 3.44 9.12
CA LEU A 81 -22.59 2.67 10.22
C LEU A 81 -22.12 1.21 10.27
N ILE A 82 -21.57 0.74 9.17
CA ILE A 82 -21.07 -0.63 9.09
C ILE A 82 -19.75 -0.72 9.83
N ASP A 83 -19.35 -1.93 10.19
CA ASP A 83 -18.13 -2.21 10.94
C ASP A 83 -16.89 -2.32 10.05
N PHE A 84 -15.74 -2.58 10.66
CA PHE A 84 -14.46 -2.56 9.94
C PHE A 84 -14.40 -3.59 8.83
N GLU A 85 -14.57 -4.85 9.16
CA GLU A 85 -14.42 -5.87 8.14
C GLU A 85 -15.60 -5.73 7.19
N GLY A 86 -16.64 -5.06 7.67
CA GLY A 86 -17.83 -4.80 6.88
C GLY A 86 -17.55 -3.88 5.71
N LYS A 87 -16.96 -2.74 6.03
CA LYS A 87 -16.59 -1.80 4.99
C LYS A 87 -15.58 -2.42 4.02
N LYS A 88 -14.77 -3.36 4.48
CA LYS A 88 -13.80 -3.99 3.59
C LYS A 88 -14.56 -4.84 2.59
N ASP A 89 -15.62 -5.49 3.08
CA ASP A 89 -16.39 -6.44 2.25
C ASP A 89 -17.30 -5.72 1.28
N VAL A 90 -18.02 -4.72 1.77
CA VAL A 90 -18.81 -3.83 0.91
C VAL A 90 -18.00 -3.37 -0.29
N ALA A 91 -16.83 -2.79 -0.03
CA ALA A 91 -15.99 -2.34 -1.11
C ALA A 91 -15.57 -3.48 -2.04
N GLN A 92 -15.42 -4.70 -1.54
CA GLN A 92 -14.98 -5.76 -2.44
C GLN A 92 -16.14 -6.25 -3.29
N ILE A 93 -17.33 -6.13 -2.75
CA ILE A 93 -18.51 -6.48 -3.51
C ILE A 93 -18.68 -5.44 -4.58
N PHE A 94 -18.60 -4.18 -4.18
CA PHE A 94 -18.89 -3.09 -5.08
C PHE A 94 -17.95 -3.20 -6.26
N ASN A 95 -16.71 -3.56 -5.99
CA ASN A 95 -15.71 -3.65 -7.03
C ASN A 95 -15.98 -4.82 -7.96
N ASN A 96 -16.39 -5.94 -7.39
CA ASN A 96 -16.63 -7.13 -8.19
C ASN A 96 -17.70 -6.98 -9.27
N ILE A 97 -18.84 -6.40 -8.91
CA ILE A 97 -19.98 -6.31 -9.81
C ILE A 97 -19.81 -5.16 -10.78
N LEU A 98 -19.00 -4.19 -10.39
CA LEU A 98 -18.69 -3.08 -11.26
C LEU A 98 -17.75 -3.56 -12.35
N ARG A 99 -17.07 -4.67 -12.11
CA ARG A 99 -16.19 -5.25 -13.10
C ARG A 99 -16.98 -6.19 -14.00
N ARG A 100 -18.09 -6.70 -13.47
CA ARG A 100 -18.98 -7.64 -14.18
C ARG A 100 -19.37 -7.19 -15.59
N GLN A 101 -18.95 -7.99 -16.57
CA GLN A 101 -19.41 -7.87 -17.94
C GLN A 101 -20.31 -9.04 -18.32
N ILE A 102 -21.41 -8.72 -19.01
CA ILE A 102 -22.19 -9.74 -19.69
C ILE A 102 -22.30 -9.31 -21.16
N GLY A 103 -21.51 -9.95 -22.00
CA GLY A 103 -21.33 -9.51 -23.37
C GLY A 103 -20.16 -8.55 -23.45
N THR A 104 -20.36 -7.46 -24.19
CA THR A 104 -19.37 -6.37 -24.23
C THR A 104 -19.90 -5.21 -23.41
N ARG A 105 -20.93 -5.50 -22.64
CA ARG A 105 -21.57 -4.52 -21.77
C ARG A 105 -21.08 -4.73 -20.33
N THR A 106 -20.88 -3.61 -19.62
CA THR A 106 -20.64 -3.63 -18.18
C THR A 106 -21.87 -3.03 -17.50
N PRO A 107 -22.85 -3.89 -17.16
CA PRO A 107 -24.15 -3.48 -16.60
C PRO A 107 -24.07 -2.46 -15.47
N THR A 108 -23.11 -2.61 -14.57
CA THR A 108 -23.02 -1.72 -13.42
C THR A 108 -22.67 -0.27 -13.84
N VAL A 109 -21.73 -0.11 -14.77
CA VAL A 109 -21.41 1.21 -15.32
C VAL A 109 -22.68 1.87 -15.87
N GLU A 110 -23.57 1.05 -16.43
CA GLU A 110 -24.82 1.56 -16.97
C GLU A 110 -25.72 2.00 -15.83
N TYR A 111 -25.83 1.16 -14.79
CA TYR A 111 -26.65 1.46 -13.62
C TYR A 111 -26.19 2.76 -12.95
N ILE A 112 -24.88 2.88 -12.70
CA ILE A 112 -24.32 4.04 -12.03
C ILE A 112 -24.59 5.28 -12.85
N CYS A 113 -24.54 5.14 -14.18
CA CYS A 113 -24.77 6.26 -15.09
C CYS A 113 -26.10 6.94 -14.84
N THR A 114 -27.06 6.16 -14.36
CA THR A 114 -28.41 6.62 -14.00
C THR A 114 -28.56 6.84 -12.49
N GLN A 115 -27.60 6.33 -11.72
CA GLN A 115 -27.53 6.59 -10.29
C GLN A 115 -26.27 7.38 -9.95
N GLN A 116 -26.00 8.41 -10.75
CA GLN A 116 -24.79 9.19 -10.62
C GLN A 116 -24.46 9.58 -9.19
N ASN A 117 -25.46 9.80 -8.35
CA ASN A 117 -25.17 10.25 -7.00
C ASN A 117 -24.26 9.29 -6.22
N ILE A 118 -24.24 8.01 -6.59
CA ILE A 118 -23.31 7.04 -5.99
C ILE A 118 -21.86 7.53 -6.11
N LEU A 119 -21.45 7.97 -7.31
CA LEU A 119 -20.10 8.53 -7.50
C LEU A 119 -19.86 9.75 -6.64
N PHE A 120 -20.87 10.60 -6.52
CA PHE A 120 -20.67 11.80 -5.74
C PHE A 120 -20.63 11.48 -4.25
N MET A 121 -21.40 10.51 -3.80
CA MET A 121 -21.31 10.08 -2.41
C MET A 121 -19.92 9.52 -2.11
N LEU A 122 -19.39 8.66 -3.00
CA LEU A 122 -18.04 8.11 -2.78
C LEU A 122 -17.03 9.23 -2.65
N LEU A 123 -16.92 10.09 -3.67
CA LEU A 123 -16.02 11.24 -3.64
C LEU A 123 -16.12 12.06 -2.34
N LYS A 124 -17.33 12.44 -1.97
CA LYS A 124 -17.58 13.18 -0.74
C LYS A 124 -17.14 12.41 0.51
N GLY A 125 -16.89 11.12 0.32
CA GLY A 125 -16.43 10.25 1.39
C GLY A 125 -15.09 10.66 1.98
N TYR A 126 -14.28 11.36 1.20
CA TYR A 126 -13.00 11.86 1.69
C TYR A 126 -13.10 12.78 2.93
N GLU A 127 -14.27 13.36 3.16
CA GLU A 127 -14.43 14.29 4.27
C GLU A 127 -14.87 13.62 5.56
N SER A 128 -14.94 12.28 5.54
CA SER A 128 -15.32 11.51 6.72
C SER A 128 -14.24 10.47 6.94
N PRO A 129 -13.37 10.69 7.93
CA PRO A 129 -12.18 9.87 8.20
C PRO A 129 -12.47 8.37 8.28
N GLU A 130 -13.53 7.99 8.99
CA GLU A 130 -13.84 6.58 9.20
C GLU A 130 -14.07 5.84 7.88
N ILE A 131 -14.40 6.55 6.83
CA ILE A 131 -14.66 5.90 5.55
C ILE A 131 -13.81 6.36 4.38
N ALA A 132 -13.04 7.44 4.56
CA ALA A 132 -12.27 8.01 3.46
C ALA A 132 -11.50 6.93 2.67
N LEU A 133 -10.77 6.06 3.34
CA LEU A 133 -9.95 5.12 2.58
C LEU A 133 -10.75 4.04 1.87
N ASN A 134 -11.93 3.73 2.37
CA ASN A 134 -12.81 2.77 1.70
C ASN A 134 -13.42 3.35 0.44
N CYS A 135 -13.87 4.60 0.55
CA CYS A 135 -14.44 5.31 -0.58
C CYS A 135 -13.40 5.50 -1.65
N GLY A 136 -12.14 5.58 -1.26
CA GLY A 136 -11.08 5.75 -2.24
C GLY A 136 -10.94 4.52 -3.09
N ILE A 137 -10.88 3.37 -2.44
CA ILE A 137 -10.84 2.08 -3.14
C ILE A 137 -11.97 1.94 -4.15
N MET A 138 -13.19 2.18 -3.69
CA MET A 138 -14.38 2.04 -4.51
C MET A 138 -14.42 3.07 -5.61
N LEU A 139 -14.22 4.33 -5.26
CA LEU A 139 -14.18 5.39 -6.27
C LEU A 139 -13.16 5.09 -7.35
N ARG A 140 -12.00 4.61 -6.94
CA ARG A 140 -10.92 4.42 -7.89
C ARG A 140 -11.23 3.31 -8.88
N GLU A 141 -12.07 2.36 -8.46
CA GLU A 141 -12.54 1.31 -9.35
C GLU A 141 -13.53 1.88 -10.34
N CYS A 142 -14.45 2.73 -9.88
CA CYS A 142 -15.34 3.39 -10.79
C CYS A 142 -14.53 4.08 -11.91
N ILE A 143 -13.64 4.97 -11.51
CA ILE A 143 -12.68 5.63 -12.40
C ILE A 143 -12.06 4.74 -13.48
N ARG A 144 -11.91 3.45 -13.20
CA ARG A 144 -11.32 2.53 -14.18
C ARG A 144 -12.11 2.63 -15.51
N HIS A 145 -13.42 2.85 -15.43
CA HIS A 145 -14.31 3.00 -16.61
C HIS A 145 -14.59 4.41 -17.08
N GLU A 146 -14.32 4.70 -18.35
CA GLU A 146 -14.34 6.08 -18.84
C GLU A 146 -15.63 6.89 -18.60
N PRO A 147 -16.83 6.31 -18.86
CA PRO A 147 -18.06 7.06 -18.58
C PRO A 147 -18.04 7.74 -17.21
N LEU A 148 -17.73 6.96 -16.17
CA LEU A 148 -17.72 7.44 -14.78
C LEU A 148 -16.54 8.37 -14.53
N ALA A 149 -15.38 8.05 -15.10
CA ALA A 149 -14.23 8.94 -15.00
C ALA A 149 -14.69 10.31 -15.48
N LYS A 150 -15.30 10.30 -16.66
CA LYS A 150 -15.85 11.51 -17.26
C LYS A 150 -16.80 12.26 -16.31
N ILE A 151 -17.68 11.52 -15.63
CA ILE A 151 -18.69 12.15 -14.79
C ILE A 151 -18.03 12.97 -13.69
N ILE A 152 -16.98 12.41 -13.10
CA ILE A 152 -16.33 13.02 -11.95
C ILE A 152 -15.46 14.17 -12.43
N LEU A 153 -14.71 13.91 -13.50
CA LEU A 153 -13.75 14.87 -14.02
C LEU A 153 -14.42 16.17 -14.46
N TRP A 154 -15.50 16.01 -15.22
CA TRP A 154 -16.20 17.17 -15.76
C TRP A 154 -17.10 17.84 -14.74
N SER A 155 -17.31 17.22 -13.60
CA SER A 155 -18.15 17.86 -12.60
C SER A 155 -17.37 19.00 -11.97
N GLU A 156 -18.08 19.94 -11.38
CA GLU A 156 -17.44 21.03 -10.69
C GLU A 156 -16.82 20.45 -9.42
N GLN A 157 -17.24 19.26 -9.02
CA GLN A 157 -16.83 18.71 -7.73
C GLN A 157 -15.44 18.09 -7.77
N PHE A 158 -14.83 18.16 -8.94
CA PHE A 158 -13.50 17.63 -9.10
C PHE A 158 -12.48 18.56 -8.43
N TYR A 159 -12.76 19.87 -8.44
CA TYR A 159 -11.81 20.83 -7.85
C TYR A 159 -11.81 20.75 -6.34
N ASP A 160 -12.59 19.83 -5.77
CA ASP A 160 -12.51 19.54 -4.35
C ASP A 160 -11.27 18.77 -4.03
N PHE A 161 -10.66 18.22 -5.08
CA PHE A 161 -9.46 17.44 -4.92
C PHE A 161 -8.31 18.31 -4.43
N PHE A 162 -8.34 19.58 -4.80
CA PHE A 162 -7.28 20.48 -4.40
C PHE A 162 -7.36 20.79 -2.88
N ARG A 163 -8.42 20.32 -2.23
CA ARG A 163 -8.52 20.41 -0.77
C ARG A 163 -8.18 19.08 -0.15
N TYR A 164 -8.67 18.03 -0.79
CA TYR A 164 -8.48 16.68 -0.32
C TYR A 164 -7.01 16.24 -0.32
N VAL A 165 -6.25 16.60 -1.36
CA VAL A 165 -4.83 16.26 -1.35
C VAL A 165 -4.04 17.07 -0.33
N GLU A 166 -4.75 17.71 0.59
CA GLU A 166 -4.21 18.76 1.45
C GLU A 166 -4.75 18.71 2.88
N MET A 167 -5.11 17.52 3.37
CA MET A 167 -6.08 17.40 4.45
C MET A 167 -5.62 17.81 5.84
N SER A 168 -4.73 17.02 6.41
CA SER A 168 -4.29 17.08 7.80
C SER A 168 -3.82 15.67 8.04
N THR A 169 -4.70 14.72 7.75
CA THR A 169 -4.41 13.29 7.80
C THR A 169 -3.61 12.85 6.60
N PHE A 170 -2.43 12.30 6.83
CA PHE A 170 -1.50 12.02 5.73
C PHE A 170 -1.94 10.87 4.85
N ASP A 171 -2.42 9.81 5.49
CA ASP A 171 -2.94 8.63 4.78
C ASP A 171 -4.03 9.00 3.79
N ILE A 172 -5.03 9.71 4.30
CA ILE A 172 -6.17 10.14 3.52
C ILE A 172 -5.76 11.09 2.40
N ALA A 173 -5.00 12.11 2.74
CA ALA A 173 -4.54 13.08 1.75
C ALA A 173 -3.75 12.38 0.65
N SER A 174 -2.96 11.38 1.01
CA SER A 174 -2.21 10.63 0.02
C SER A 174 -3.12 9.84 -0.90
N ASP A 175 -4.18 9.28 -0.34
CA ASP A 175 -5.14 8.51 -1.13
C ASP A 175 -5.89 9.45 -2.06
N ALA A 176 -6.37 10.58 -1.55
CA ALA A 176 -6.95 11.62 -2.39
C ALA A 176 -6.04 11.86 -3.60
N PHE A 177 -4.75 11.98 -3.37
CA PHE A 177 -3.89 12.26 -4.49
C PHE A 177 -3.87 11.11 -5.49
N ALA A 178 -4.07 9.89 -5.03
CA ALA A 178 -3.96 8.71 -5.91
C ALA A 178 -5.05 8.68 -6.97
N THR A 179 -6.25 8.98 -6.49
CA THR A 179 -7.45 9.07 -7.28
C THR A 179 -7.30 10.21 -8.26
N PHE A 180 -6.98 11.37 -7.73
CA PHE A 180 -6.75 12.57 -8.54
C PHE A 180 -5.66 12.40 -9.61
N LYS A 181 -4.63 11.60 -9.34
CA LYS A 181 -3.66 11.23 -10.37
C LYS A 181 -4.28 10.28 -11.38
N ASP A 182 -5.10 9.34 -10.89
CA ASP A 182 -5.70 8.32 -11.73
C ASP A 182 -6.64 8.95 -12.74
N LEU A 183 -7.42 9.92 -12.28
CA LEU A 183 -8.34 10.64 -13.15
C LEU A 183 -7.65 11.27 -14.34
N LEU A 184 -6.63 12.09 -14.05
CA LEU A 184 -5.88 12.85 -15.06
C LEU A 184 -4.93 12.04 -15.94
N THR A 185 -4.69 10.78 -15.63
CA THR A 185 -3.76 10.06 -16.49
C THR A 185 -4.29 8.81 -17.15
N ARG A 186 -5.38 8.22 -16.68
CA ARG A 186 -5.79 6.91 -17.22
C ARG A 186 -6.47 6.98 -18.59
N HIS A 187 -7.57 7.69 -18.68
CA HIS A 187 -8.20 7.88 -19.95
C HIS A 187 -7.59 9.08 -20.63
N LYS A 188 -6.51 8.83 -21.36
CA LYS A 188 -5.65 9.84 -21.96
C LYS A 188 -6.39 10.92 -22.76
N LEU A 189 -7.22 10.48 -23.70
CA LEU A 189 -8.03 11.37 -24.52
C LEU A 189 -9.01 12.18 -23.69
N LEU A 190 -9.68 11.51 -22.74
CA LEU A 190 -10.62 12.20 -21.86
C LEU A 190 -9.93 13.35 -21.14
N SER A 191 -8.79 13.06 -20.55
CA SER A 191 -8.12 14.02 -19.67
C SER A 191 -7.36 15.07 -20.43
N ALA A 192 -6.97 14.73 -21.65
CA ALA A 192 -6.34 15.71 -22.55
C ALA A 192 -7.35 16.80 -22.92
N GLU A 193 -8.59 16.36 -23.15
CA GLU A 193 -9.71 17.24 -23.43
C GLU A 193 -10.01 18.17 -22.24
N PHE A 194 -10.12 17.57 -21.07
CA PHE A 194 -10.47 18.33 -19.89
C PHE A 194 -9.45 19.43 -19.65
N LEU A 195 -8.16 19.06 -19.71
CA LEU A 195 -7.04 19.98 -19.49
C LEU A 195 -6.94 21.12 -20.51
N GLU A 196 -7.16 20.78 -21.77
CA GLU A 196 -7.23 21.78 -22.83
C GLU A 196 -8.29 22.83 -22.51
N GLN A 197 -9.52 22.37 -22.26
CA GLN A 197 -10.64 23.27 -21.98
C GLN A 197 -10.58 24.03 -20.65
N HIS A 198 -10.25 23.35 -19.56
CA HIS A 198 -10.22 23.98 -18.24
C HIS A 198 -8.88 24.56 -17.84
N TYR A 199 -7.94 24.57 -18.79
CA TYR A 199 -6.57 24.97 -18.55
C TYR A 199 -6.43 26.05 -17.49
N ASP A 200 -6.99 27.23 -17.75
CA ASP A 200 -6.74 28.41 -16.92
C ASP A 200 -7.02 28.22 -15.44
N ARG A 201 -8.18 27.65 -15.12
CA ARG A 201 -8.53 27.55 -13.72
C ARG A 201 -7.93 26.28 -13.14
N PHE A 202 -7.66 25.31 -13.99
CA PHE A 202 -7.00 24.10 -13.51
C PHE A 202 -5.60 24.44 -13.02
N PHE A 203 -4.82 25.08 -13.89
CA PHE A 203 -3.41 25.26 -13.61
C PHE A 203 -3.18 26.37 -12.61
N SER A 204 -4.15 27.28 -12.51
CA SER A 204 -4.10 28.29 -11.47
C SER A 204 -4.19 27.59 -10.12
N GLU A 205 -4.89 26.46 -10.12
CA GLU A 205 -5.17 25.69 -8.92
C GLU A 205 -4.02 24.73 -8.64
N TYR A 206 -3.45 24.21 -9.73
CA TYR A 206 -2.34 23.26 -9.66
C TYR A 206 -1.10 23.95 -9.15
N GLU A 207 -1.02 25.24 -9.44
CA GLU A 207 0.13 25.99 -9.00
C GLU A 207 0.18 26.15 -7.48
N LYS A 208 -0.95 25.99 -6.81
CA LYS A 208 -0.97 26.19 -5.36
C LYS A 208 -0.32 24.98 -4.70
N LEU A 209 -0.44 23.84 -5.39
CA LEU A 209 0.13 22.57 -4.95
C LEU A 209 1.65 22.58 -4.94
N LEU A 210 2.22 23.04 -6.05
CA LEU A 210 3.66 23.28 -6.17
C LEU A 210 4.21 24.20 -5.07
N HIS A 211 3.37 24.94 -4.35
CA HIS A 211 3.86 25.75 -3.24
C HIS A 211 3.46 25.22 -1.87
N SER A 212 3.28 23.91 -1.74
CA SER A 212 2.71 23.36 -0.51
C SER A 212 3.69 23.33 0.66
N GLU A 213 3.16 23.43 1.87
CA GLU A 213 3.94 23.23 3.10
C GLU A 213 4.23 21.75 3.27
N ASN A 214 3.28 20.95 2.83
CA ASN A 214 3.42 19.50 2.81
C ASN A 214 4.43 19.07 1.76
N TYR A 215 5.55 18.48 2.22
CA TYR A 215 6.60 17.99 1.31
C TYR A 215 6.09 16.95 0.30
N VAL A 216 5.28 16.00 0.75
CA VAL A 216 4.87 14.93 -0.16
C VAL A 216 4.02 15.56 -1.26
N THR A 217 3.04 16.35 -0.85
CA THR A 217 2.15 17.07 -1.76
C THR A 217 2.95 17.79 -2.83
N LYS A 218 3.91 18.62 -2.42
CA LYS A 218 4.77 19.33 -3.36
C LYS A 218 5.58 18.41 -4.30
N ARG A 219 6.25 17.42 -3.73
CA ARG A 219 7.14 16.57 -4.52
C ARG A 219 6.28 15.80 -5.55
N GLN A 220 5.20 15.19 -5.09
CA GLN A 220 4.33 14.38 -5.95
C GLN A 220 3.58 15.19 -7.02
N SER A 221 3.07 16.36 -6.64
CA SER A 221 2.42 17.26 -7.58
C SER A 221 3.35 17.66 -8.66
N LEU A 222 4.59 17.94 -8.29
CA LEU A 222 5.60 18.39 -9.22
C LEU A 222 6.00 17.26 -10.14
N LYS A 223 6.16 16.08 -9.56
CA LYS A 223 6.44 14.89 -10.36
C LYS A 223 5.35 14.65 -11.40
N LEU A 224 4.09 14.82 -11.02
CA LEU A 224 2.96 14.58 -11.91
C LEU A 224 2.93 15.58 -13.06
N LEU A 225 3.08 16.86 -12.73
CA LEU A 225 3.16 17.93 -13.71
C LEU A 225 4.08 17.54 -14.84
N GLY A 226 5.27 17.09 -14.49
CA GLY A 226 6.24 16.68 -15.49
C GLY A 226 5.71 15.57 -16.37
N GLU A 227 4.94 14.67 -15.78
CA GLU A 227 4.37 13.55 -16.52
C GLU A 227 3.37 14.09 -17.53
N LEU A 228 2.47 14.95 -17.04
CA LEU A 228 1.44 15.59 -17.87
C LEU A 228 1.98 16.40 -19.05
N LEU A 229 2.97 17.24 -18.84
CA LEU A 229 3.50 18.04 -19.93
C LEU A 229 4.20 17.18 -20.98
N LEU A 230 4.97 16.20 -20.50
CA LEU A 230 5.78 15.38 -21.39
C LEU A 230 4.98 14.36 -22.16
N ASP A 231 3.71 14.16 -21.79
CA ASP A 231 2.84 13.22 -22.48
C ASP A 231 2.62 13.66 -23.93
N ARG A 232 2.39 12.67 -24.81
CA ARG A 232 2.14 12.98 -26.21
C ARG A 232 0.75 13.56 -26.43
N HIS A 233 -0.25 13.01 -25.74
CA HIS A 233 -1.62 13.47 -25.91
C HIS A 233 -1.82 14.90 -25.45
N ASN A 234 -0.92 15.43 -24.63
CA ASN A 234 -1.16 16.73 -24.05
C ASN A 234 -0.30 17.81 -24.69
N PHE A 235 0.04 17.59 -25.95
CA PHE A 235 0.89 18.50 -26.73
C PHE A 235 0.47 19.94 -26.56
N THR A 236 -0.82 20.21 -26.77
CA THR A 236 -1.33 21.59 -26.76
C THR A 236 -1.21 22.25 -25.39
N ILE A 237 -1.51 21.46 -24.35
CA ILE A 237 -1.46 21.93 -22.96
C ILE A 237 -0.02 22.29 -22.63
N MET A 238 0.88 21.50 -23.19
CA MET A 238 2.31 21.66 -22.96
C MET A 238 2.78 23.00 -23.49
N THR A 239 2.46 23.26 -24.75
CA THR A 239 2.91 24.44 -25.45
C THR A 239 2.49 25.70 -24.75
N LYS A 240 1.26 25.71 -24.26
CA LYS A 240 0.76 26.87 -23.56
C LYS A 240 1.53 27.04 -22.26
N TYR A 241 1.85 25.91 -21.61
CA TYR A 241 2.51 25.97 -20.30
C TYR A 241 3.88 26.62 -20.41
N ILE A 242 4.66 26.15 -21.40
CA ILE A 242 6.05 26.58 -21.59
C ILE A 242 6.23 27.88 -22.37
N SER A 243 5.17 28.67 -22.46
CA SER A 243 5.24 29.99 -23.10
C SER A 243 5.24 31.12 -22.07
N LYS A 244 4.95 30.79 -20.82
CA LYS A 244 4.75 31.81 -19.79
C LYS A 244 5.95 31.96 -18.87
N PRO A 245 6.62 33.12 -18.91
CA PRO A 245 7.77 33.43 -18.06
C PRO A 245 7.56 33.15 -16.57
N GLU A 246 6.33 33.26 -16.09
CA GLU A 246 6.08 33.04 -14.67
C GLU A 246 6.35 31.59 -14.37
N ASN A 247 6.10 30.73 -15.38
CA ASN A 247 6.26 29.27 -15.28
C ASN A 247 7.74 28.79 -15.23
N LEU A 248 8.51 29.19 -16.23
CA LEU A 248 9.97 29.10 -16.18
C LEU A 248 10.57 29.62 -14.86
N LYS A 249 10.16 30.80 -14.41
CA LYS A 249 10.79 31.34 -13.21
C LYS A 249 10.55 30.44 -12.00
N LEU A 250 9.37 29.80 -11.94
CA LEU A 250 9.04 28.91 -10.81
C LEU A 250 9.89 27.65 -10.85
N MET A 251 9.86 26.94 -11.98
CA MET A 251 10.75 25.82 -12.20
C MET A 251 12.21 26.13 -11.84
N MET A 252 12.77 27.18 -12.42
CA MET A 252 14.16 27.51 -12.14
C MET A 252 14.40 27.77 -10.65
N ASN A 253 13.46 28.35 -9.93
CA ASN A 253 13.65 28.45 -8.49
C ASN A 253 13.56 27.10 -7.77
N LEU A 254 12.77 26.20 -8.34
CA LEU A 254 12.59 24.86 -7.79
C LEU A 254 13.81 23.98 -8.09
N LEU A 255 14.60 24.40 -9.08
CA LEU A 255 15.92 23.82 -9.32
C LEU A 255 16.83 24.13 -8.13
N ARG A 256 16.61 25.28 -7.50
CA ARG A 256 17.44 25.65 -6.35
C ARG A 256 16.63 25.53 -5.06
N ASP A 257 15.94 24.41 -4.88
CA ASP A 257 15.11 24.23 -3.67
C ASP A 257 15.81 23.41 -2.60
N LYS A 258 15.46 23.66 -1.35
CA LYS A 258 16.00 22.93 -0.21
C LYS A 258 16.10 21.41 -0.45
N SER A 259 15.14 20.81 -1.13
CA SER A 259 15.10 19.34 -1.34
C SER A 259 15.69 18.91 -2.67
N ARG A 260 16.63 17.97 -2.65
CA ARG A 260 17.28 17.54 -3.88
C ARG A 260 16.37 16.65 -4.72
N ASN A 261 15.33 16.12 -4.07
CA ASN A 261 14.40 15.28 -4.80
C ASN A 261 13.40 16.12 -5.56
N ILE A 262 13.06 17.28 -4.99
CA ILE A 262 12.23 18.27 -5.63
C ILE A 262 12.96 18.99 -6.78
N GLN A 263 14.19 19.43 -6.53
CA GLN A 263 15.07 19.91 -7.61
C GLN A 263 15.09 18.93 -8.79
N PHE A 264 15.20 17.64 -8.45
CA PHE A 264 15.27 16.62 -9.47
C PHE A 264 13.99 16.64 -10.31
N GLU A 265 12.84 16.76 -9.66
CA GLU A 265 11.57 16.74 -10.37
C GLU A 265 11.41 18.05 -11.16
N ALA A 266 11.81 19.16 -10.56
CA ALA A 266 11.80 20.46 -11.25
C ALA A 266 12.56 20.37 -12.57
N PHE A 267 13.60 19.52 -12.58
CA PHE A 267 14.48 19.37 -13.74
C PHE A 267 13.73 18.87 -14.97
N HIS A 268 12.74 18.01 -14.74
CA HIS A 268 12.06 17.34 -15.84
C HIS A 268 10.97 18.19 -16.40
N VAL A 269 10.66 19.25 -15.67
CA VAL A 269 9.78 20.26 -16.21
C VAL A 269 10.64 21.29 -16.93
N PHE A 270 11.62 21.82 -16.21
CA PHE A 270 12.56 22.77 -16.79
C PHE A 270 13.16 22.27 -18.11
N LYS A 271 13.47 20.98 -18.13
CA LYS A 271 13.97 20.29 -19.31
C LYS A 271 13.28 20.70 -20.62
N VAL A 272 11.95 20.86 -20.60
CA VAL A 272 11.21 21.01 -21.86
C VAL A 272 11.08 22.46 -22.32
N PHE A 273 11.20 23.41 -21.39
CA PHE A 273 11.23 24.80 -21.77
C PHE A 273 12.39 24.99 -22.78
N VAL A 274 13.49 24.26 -22.57
CA VAL A 274 14.74 24.44 -23.34
C VAL A 274 14.77 23.62 -24.63
N ALA A 275 14.19 22.43 -24.57
CA ALA A 275 14.16 21.53 -25.72
C ALA A 275 13.22 22.03 -26.79
N ASN A 276 12.45 23.04 -26.40
CA ASN A 276 11.37 23.63 -27.20
C ASN A 276 11.83 24.43 -28.43
N PRO A 277 11.58 23.90 -29.65
CA PRO A 277 11.91 24.63 -30.89
C PRO A 277 11.30 26.03 -30.91
N ASN A 278 9.97 26.11 -30.87
CA ASN A 278 9.23 27.36 -30.99
C ASN A 278 9.13 28.25 -29.71
N LYS A 279 10.27 28.61 -29.11
CA LYS A 279 10.26 29.45 -27.88
C LYS A 279 9.62 30.81 -28.09
N THR A 280 9.14 31.41 -27.01
CA THR A 280 8.53 32.72 -27.13
C THR A 280 9.45 33.79 -26.56
N GLN A 281 9.03 35.04 -26.65
CA GLN A 281 9.94 36.15 -26.45
C GLN A 281 10.52 36.30 -25.04
N PRO A 282 9.69 36.15 -24.00
CA PRO A 282 10.35 36.30 -22.69
C PRO A 282 10.97 34.99 -22.20
N ILE A 283 10.74 33.90 -22.94
CA ILE A 283 11.42 32.63 -22.67
C ILE A 283 12.92 32.88 -22.86
N LEU A 284 13.33 33.18 -24.11
CA LEU A 284 14.72 33.54 -24.45
C LEU A 284 15.27 34.62 -23.54
N ASP A 285 14.44 35.63 -23.28
CA ASP A 285 14.87 36.73 -22.44
C ASP A 285 15.42 36.23 -21.12
N ILE A 286 14.79 35.24 -20.51
CA ILE A 286 15.28 34.72 -19.22
C ILE A 286 16.45 33.74 -19.38
N LEU A 287 16.36 32.87 -20.39
CA LEU A 287 17.42 31.90 -20.68
C LEU A 287 18.75 32.58 -21.00
N LEU A 288 18.80 33.35 -22.09
CA LEU A 288 20.00 34.10 -22.46
C LEU A 288 20.47 35.02 -21.33
N LYS A 289 19.56 35.74 -20.70
CA LYS A 289 19.96 36.56 -19.55
C LYS A 289 20.65 35.68 -18.51
N ASN A 290 20.05 34.53 -18.22
CA ASN A 290 20.63 33.61 -17.22
C ASN A 290 21.49 32.49 -17.84
N GLN A 291 21.89 32.65 -19.11
CA GLN A 291 22.86 31.74 -19.74
C GLN A 291 24.13 31.73 -18.91
N ALA A 292 24.98 30.74 -19.11
CA ALA A 292 26.26 30.67 -18.41
C ALA A 292 26.09 30.47 -16.91
N LYS A 293 25.32 31.30 -16.21
CA LYS A 293 25.02 30.98 -14.81
C LYS A 293 24.25 29.65 -14.73
N LEU A 294 23.62 29.30 -15.84
CA LEU A 294 22.90 28.04 -16.02
C LEU A 294 23.84 26.94 -16.48
N ILE A 295 24.71 27.25 -17.44
CA ILE A 295 25.68 26.28 -17.95
C ILE A 295 26.60 25.86 -16.80
N GLU A 296 26.87 26.81 -15.92
CA GLU A 296 27.62 26.55 -14.69
C GLU A 296 26.77 25.77 -13.70
N PHE A 297 25.48 26.09 -13.63
CA PHE A 297 24.56 25.39 -12.73
C PHE A 297 24.42 23.91 -13.12
N LEU A 298 24.22 23.66 -14.41
CA LEU A 298 23.87 22.32 -14.90
C LEU A 298 24.98 21.30 -14.70
N SER A 299 26.19 21.72 -15.02
CA SER A 299 27.38 20.89 -14.85
C SER A 299 27.54 20.42 -13.39
N LYS A 300 27.55 21.37 -12.47
CA LYS A 300 27.59 21.06 -11.06
C LYS A 300 26.19 20.80 -10.43
N PHE A 301 25.30 20.10 -11.13
CA PHE A 301 23.95 19.75 -10.60
C PHE A 301 23.71 18.24 -10.58
N GLN A 302 23.44 17.73 -9.37
CA GLN A 302 23.20 16.31 -9.09
C GLN A 302 24.07 15.42 -9.93
N ASN A 303 25.38 15.45 -9.66
CA ASN A 303 26.33 14.60 -10.35
C ASN A 303 26.37 13.22 -9.70
N ASP A 304 26.11 13.18 -8.39
CA ASP A 304 25.96 11.94 -7.62
C ASP A 304 24.90 10.94 -8.13
N ARG A 305 24.34 11.21 -9.30
CA ARG A 305 23.26 10.40 -9.86
C ARG A 305 23.81 9.75 -11.13
N THR A 306 24.76 8.84 -10.96
CA THR A 306 25.43 8.17 -12.10
C THR A 306 24.89 6.77 -12.33
N GLU A 307 24.13 6.24 -11.39
CA GLU A 307 23.39 5.02 -11.63
C GLU A 307 22.29 5.28 -12.69
N ASP A 308 22.23 6.52 -13.18
CA ASP A 308 21.18 7.01 -14.10
C ASP A 308 21.75 7.48 -15.45
N GLU A 309 21.43 6.74 -16.50
CA GLU A 309 21.87 7.06 -17.85
C GLU A 309 21.26 8.37 -18.39
N GLN A 310 19.96 8.37 -18.66
CA GLN A 310 19.25 9.43 -19.37
C GLN A 310 19.57 10.80 -18.81
N PHE A 311 19.39 10.91 -17.51
CA PHE A 311 19.67 12.12 -16.75
C PHE A 311 20.96 12.77 -17.16
N ASN A 312 22.01 11.96 -17.32
CA ASN A 312 23.30 12.52 -17.60
C ASN A 312 23.40 12.91 -19.07
N ASP A 313 22.58 12.29 -19.91
CA ASP A 313 22.49 12.64 -21.34
C ASP A 313 21.67 13.89 -21.56
N GLU A 314 20.62 14.05 -20.75
CA GLU A 314 19.79 15.24 -20.81
C GLU A 314 20.57 16.46 -20.31
N LYS A 315 21.40 16.29 -19.27
CA LYS A 315 22.20 17.41 -18.78
C LYS A 315 23.15 17.91 -19.86
N THR A 316 23.77 16.99 -20.58
CA THR A 316 24.72 17.38 -21.61
C THR A 316 23.96 17.93 -22.84
N TYR A 317 22.71 17.50 -23.01
CA TYR A 317 21.84 18.11 -24.02
C TYR A 317 21.44 19.56 -23.67
N LEU A 318 21.15 19.80 -22.40
CA LEU A 318 20.68 21.12 -21.97
C LEU A 318 21.77 22.18 -22.03
N VAL A 319 22.97 21.87 -21.53
CA VAL A 319 24.09 22.81 -21.63
C VAL A 319 24.45 23.10 -23.08
N LYS A 320 24.33 22.08 -23.94
CA LYS A 320 24.54 22.27 -25.36
C LYS A 320 23.56 23.29 -25.90
N GLN A 321 22.31 23.25 -25.42
CA GLN A 321 21.26 24.16 -25.91
C GLN A 321 21.41 25.59 -25.36
N ILE A 322 21.66 25.72 -24.05
CA ILE A 322 21.83 27.03 -23.41
C ILE A 322 23.12 27.73 -23.90
N ARG A 323 23.96 26.99 -24.61
CA ARG A 323 25.10 27.57 -25.33
C ARG A 323 24.91 27.49 -26.86
N ASP A 324 23.83 28.09 -27.37
CA ASP A 324 23.44 27.91 -28.78
C ASP A 324 22.22 28.76 -29.15
N LEU A 325 22.24 30.04 -28.81
CA LEU A 325 21.08 30.90 -29.03
C LEU A 325 21.25 31.77 -30.28
N MET B 1 -0.64 18.66 8.17
CA MET B 1 -0.01 19.21 9.37
C MET B 1 -0.04 18.20 10.52
N ALA B 2 -0.32 18.69 11.73
CA ALA B 2 -0.38 17.90 12.96
C ALA B 2 1.01 17.38 13.38
N ASP B 3 1.66 18.10 14.30
CA ASP B 3 3.05 17.81 14.69
C ASP B 3 3.18 16.61 15.59
N PRO B 4 3.85 15.55 15.12
CA PRO B 4 4.01 14.35 15.94
C PRO B 4 4.82 14.65 17.20
N GLU B 5 5.99 15.23 17.02
CA GLU B 5 6.92 15.59 18.11
C GLU B 5 6.25 16.33 19.29
N GLU B 6 5.04 16.87 19.07
CA GLU B 6 4.28 17.47 20.14
C GLU B 6 3.33 16.44 20.77
N LEU B 7 2.59 15.70 19.94
CA LEU B 7 1.58 14.80 20.50
C LEU B 7 2.04 13.36 20.68
N PHE B 8 3.29 13.09 20.33
CA PHE B 8 3.99 11.87 20.73
C PHE B 8 5.34 12.21 21.34
N THR B 9 5.71 11.46 22.39
CA THR B 9 7.05 11.58 23.00
C THR B 9 7.85 10.31 22.69
N LYS B 10 8.91 10.44 21.90
CA LYS B 10 9.68 9.25 21.56
C LYS B 10 10.72 8.96 22.64
N LEU B 11 10.87 7.68 22.96
CA LEU B 11 11.78 7.22 24.01
C LEU B 11 12.92 6.38 23.38
N GLU B 12 13.16 5.19 23.92
CA GLU B 12 14.32 4.37 23.51
C GLU B 12 14.28 3.82 22.09
N LYS B 13 15.33 4.08 21.29
CA LYS B 13 15.43 3.46 19.96
C LYS B 13 15.25 1.94 20.11
N ILE B 14 14.11 1.42 19.64
CA ILE B 14 13.71 0.03 19.85
C ILE B 14 14.22 -0.91 18.75
N GLY B 15 14.77 -0.33 17.69
CA GLY B 15 15.33 -1.07 16.57
C GLY B 15 15.82 -0.10 15.50
N LYS B 16 16.39 -0.62 14.42
CA LYS B 16 16.88 0.23 13.31
C LYS B 16 17.31 -0.60 12.12
N GLY B 17 16.48 -0.63 11.07
CA GLY B 17 16.73 -1.49 9.94
C GLY B 17 16.87 -0.80 8.59
N SER B 18 16.15 -1.34 7.61
CA SER B 18 16.21 -0.89 6.21
C SER B 18 15.75 0.57 6.04
N PHE B 19 14.42 0.76 6.06
CA PHE B 19 13.79 2.07 5.83
C PHE B 19 14.36 3.16 6.73
N GLY B 20 14.09 3.06 8.03
CA GLY B 20 14.59 4.04 8.97
C GLY B 20 14.95 3.45 10.31
N GLU B 21 14.41 4.03 11.37
CA GLU B 21 14.62 3.54 12.73
C GLU B 21 13.30 3.47 13.49
N VAL B 22 13.20 2.56 14.46
CA VAL B 22 12.01 2.47 15.29
C VAL B 22 12.35 2.94 16.71
N PHE B 23 11.40 3.61 17.37
CA PHE B 23 11.57 4.13 18.72
C PHE B 23 10.41 3.63 19.58
N LYS B 24 10.64 3.37 20.85
CA LYS B 24 9.50 3.23 21.76
C LYS B 24 8.97 4.66 21.93
N GLY B 25 7.74 4.81 22.41
CA GLY B 25 7.18 6.14 22.56
C GLY B 25 5.80 6.16 23.17
N ILE B 26 5.34 7.36 23.55
CA ILE B 26 4.03 7.49 24.16
C ILE B 26 3.12 8.45 23.40
N ASP B 27 1.86 8.04 23.30
CA ASP B 27 0.76 8.84 22.76
C ASP B 27 0.26 9.82 23.81
N ASN B 28 0.87 11.01 23.88
CA ASN B 28 0.50 12.03 24.88
C ASN B 28 -1.02 12.21 25.04
N ARG B 29 -1.74 12.08 23.94
CA ARG B 29 -3.19 12.32 23.93
C ARG B 29 -3.99 11.22 24.65
N THR B 30 -3.45 10.01 24.79
CA THR B 30 -4.18 8.87 25.38
C THR B 30 -3.36 8.11 26.42
N GLN B 31 -2.05 8.31 26.38
CA GLN B 31 -1.06 7.63 27.21
C GLN B 31 -0.91 6.14 26.90
N LYS B 32 -1.03 5.80 25.62
CA LYS B 32 -0.74 4.45 25.17
C LYS B 32 0.73 4.34 24.76
N VAL B 33 1.32 3.17 25.02
CA VAL B 33 2.64 2.92 24.52
C VAL B 33 2.50 2.46 23.07
N VAL B 34 3.25 3.12 22.18
CA VAL B 34 3.26 2.77 20.78
C VAL B 34 4.70 2.61 20.36
N ALA B 35 4.91 1.85 19.28
CA ALA B 35 6.20 1.85 18.59
C ALA B 35 6.14 2.90 17.50
N ILE B 36 7.23 3.62 17.27
CA ILE B 36 7.23 4.63 16.22
C ILE B 36 8.29 4.35 15.18
N LYS B 37 7.90 4.19 13.93
CA LYS B 37 8.87 3.96 12.87
C LYS B 37 9.02 5.25 12.09
N ILE B 38 10.24 5.65 11.78
CA ILE B 38 10.39 6.95 11.13
C ILE B 38 11.22 6.81 9.89
N ILE B 39 10.63 7.19 8.77
CA ILE B 39 11.29 7.02 7.49
C ILE B 39 11.56 8.39 6.91
N ASP B 40 12.80 8.61 6.45
CA ASP B 40 13.13 9.86 5.79
C ASP B 40 12.85 9.72 4.30
N LEU B 41 11.74 10.33 3.86
CA LEU B 41 11.25 10.21 2.50
C LEU B 41 12.27 10.72 1.52
N GLU B 42 13.01 11.75 1.96
CA GLU B 42 14.04 12.40 1.16
C GLU B 42 15.25 11.49 0.84
N GLU B 43 15.76 10.80 1.86
CA GLU B 43 16.86 9.87 1.66
C GLU B 43 16.38 8.63 0.96
N ALA B 44 15.23 8.12 1.43
CA ALA B 44 14.67 6.83 1.03
C ALA B 44 14.82 6.53 -0.44
N GLU B 45 13.95 7.14 -1.23
CA GLU B 45 13.83 6.81 -2.65
C GLU B 45 13.91 5.29 -2.92
N ASP B 46 13.04 4.55 -2.26
CA ASP B 46 12.59 3.28 -2.76
C ASP B 46 11.87 3.69 -4.02
N GLU B 47 10.60 4.03 -3.85
CA GLU B 47 9.93 4.99 -4.72
C GLU B 47 9.40 6.00 -3.75
N ILE B 48 8.07 6.12 -3.70
CA ILE B 48 7.45 7.04 -2.76
C ILE B 48 6.02 6.65 -2.45
N GLU B 49 5.27 6.27 -3.48
CA GLU B 49 3.97 5.67 -3.27
C GLU B 49 4.20 4.21 -2.92
N ASP B 50 5.28 3.66 -3.46
CA ASP B 50 5.68 2.30 -3.13
C ASP B 50 6.03 2.24 -1.66
N ILE B 51 6.52 3.35 -1.13
CA ILE B 51 6.73 3.44 0.31
C ILE B 51 5.39 3.44 1.04
N GLN B 52 4.43 4.20 0.54
CA GLN B 52 3.19 4.41 1.28
C GLN B 52 2.39 3.12 1.34
N GLN B 53 2.87 2.10 0.62
CA GLN B 53 2.15 0.83 0.50
C GLN B 53 2.27 -0.07 1.74
N GLU B 54 3.37 0.06 2.46
CA GLU B 54 3.51 -0.59 3.76
C GLU B 54 2.41 -0.11 4.71
N ILE B 55 2.01 1.16 4.57
CA ILE B 55 0.92 1.67 5.39
C ILE B 55 -0.41 1.11 4.92
N THR B 56 -0.70 1.23 3.62
CA THR B 56 -1.94 0.69 3.07
C THR B 56 -2.20 -0.77 3.48
N VAL B 57 -1.26 -1.65 3.18
CA VAL B 57 -1.38 -3.06 3.54
C VAL B 57 -1.61 -3.26 5.03
N LEU B 58 -0.70 -2.70 5.83
CA LEU B 58 -0.77 -2.79 7.29
C LEU B 58 -2.08 -2.22 7.86
N SER B 59 -2.54 -1.09 7.30
CA SER B 59 -3.73 -0.37 7.81
C SER B 59 -5.05 -1.05 7.50
N GLN B 60 -5.01 -2.11 6.70
CA GLN B 60 -6.21 -2.83 6.31
C GLN B 60 -6.43 -4.06 7.18
N CYS B 61 -5.33 -4.61 7.66
CA CYS B 61 -5.41 -5.72 8.60
C CYS B 61 -6.06 -5.30 9.91
N ASP B 62 -6.77 -6.23 10.52
CA ASP B 62 -7.21 -6.09 11.90
C ASP B 62 -7.20 -7.46 12.53
N SER B 63 -6.01 -7.87 12.95
CA SER B 63 -5.82 -9.19 13.49
C SER B 63 -4.92 -9.08 14.69
N PRO B 64 -5.11 -10.00 15.65
CA PRO B 64 -4.18 -10.14 16.77
C PRO B 64 -2.85 -10.77 16.31
N TYR B 65 -2.80 -11.29 15.09
CA TYR B 65 -1.59 -11.93 14.59
C TYR B 65 -0.77 -11.00 13.70
N VAL B 66 -1.19 -9.74 13.63
CA VAL B 66 -0.51 -8.69 12.85
C VAL B 66 -0.39 -7.41 13.68
N THR B 67 0.76 -6.74 13.61
CA THR B 67 0.97 -5.54 14.42
C THR B 67 -0.02 -4.43 14.06
N LYS B 68 -0.81 -3.98 15.03
CA LYS B 68 -1.85 -2.99 14.78
C LYS B 68 -1.24 -1.71 14.24
N TYR B 69 -1.98 -1.02 13.40
CA TYR B 69 -1.53 0.25 12.85
C TYR B 69 -2.38 1.35 13.47
N TYR B 70 -1.73 2.43 13.90
CA TYR B 70 -2.43 3.48 14.63
C TYR B 70 -2.49 4.77 13.83
N GLY B 71 -1.55 4.96 12.93
CA GLY B 71 -1.55 6.16 12.12
C GLY B 71 -0.18 6.52 11.58
N SER B 72 -0.13 7.62 10.86
CA SER B 72 1.12 8.10 10.31
C SER B 72 1.05 9.60 10.35
N TYR B 73 2.19 10.26 10.52
CA TYR B 73 2.24 11.72 10.57
C TYR B 73 3.41 12.18 9.73
N LEU B 74 3.32 13.39 9.21
CA LEU B 74 4.39 13.91 8.38
C LEU B 74 5.00 15.10 9.06
N LYS B 75 6.34 15.09 9.19
CA LYS B 75 7.10 16.18 9.78
C LYS B 75 8.27 16.52 8.86
N ASP B 76 8.19 17.66 8.20
CA ASP B 76 9.07 18.02 7.07
C ASP B 76 9.28 16.88 6.08
N THR B 77 10.33 16.09 6.26
CA THR B 77 10.58 15.00 5.33
C THR B 77 10.49 13.63 5.99
N LYS B 78 10.37 13.59 7.31
CA LYS B 78 10.32 12.31 8.00
C LYS B 78 8.87 11.92 8.22
N LEU B 79 8.55 10.69 7.83
CA LEU B 79 7.23 10.15 7.99
C LEU B 79 7.18 9.24 9.22
N TRP B 80 6.33 9.56 10.17
CA TRP B 80 6.18 8.76 11.38
C TRP B 80 5.10 7.69 11.26
N ILE B 81 5.48 6.45 10.98
CA ILE B 81 4.51 5.36 11.08
C ILE B 81 4.31 4.99 12.53
N ILE B 82 3.14 5.28 13.08
CA ILE B 82 2.81 4.92 14.45
C ILE B 82 2.14 3.55 14.51
N MET B 83 2.74 2.57 15.17
CA MET B 83 2.10 1.27 15.28
C MET B 83 2.20 0.64 16.67
N GLU B 84 1.40 -0.41 16.89
CA GLU B 84 1.31 -1.10 18.20
C GLU B 84 2.64 -1.61 18.74
N TYR B 85 2.96 -1.26 19.98
CA TYR B 85 4.23 -1.68 20.60
C TYR B 85 4.21 -3.11 21.12
N LEU B 86 5.30 -3.82 20.85
CA LEU B 86 5.49 -5.22 21.29
C LEU B 86 6.81 -5.40 22.05
N GLY B 87 6.72 -5.77 23.33
CA GLY B 87 7.86 -5.80 24.23
C GLY B 87 8.88 -6.93 24.09
N GLY B 88 8.40 -8.17 24.11
CA GLY B 88 9.26 -9.34 24.15
C GLY B 88 10.26 -9.59 23.03
N GLY B 89 10.43 -8.66 22.10
CA GLY B 89 11.42 -8.81 21.04
C GLY B 89 11.19 -9.90 20.00
N SER B 90 12.01 -9.90 18.94
CA SER B 90 11.88 -10.83 17.82
C SER B 90 11.90 -12.28 18.28
N ALA B 91 11.51 -13.20 17.41
CA ALA B 91 11.77 -14.60 17.66
C ALA B 91 13.27 -14.81 17.60
N LEU B 92 13.91 -14.06 16.69
CA LEU B 92 15.34 -14.18 16.51
C LEU B 92 16.09 -13.66 17.73
N ASP B 93 15.62 -12.58 18.34
CA ASP B 93 16.19 -12.13 19.61
C ASP B 93 16.14 -13.25 20.68
N LEU B 94 15.01 -13.95 20.74
CA LEU B 94 14.76 -14.93 21.78
C LEU B 94 15.57 -16.22 21.58
N LEU B 95 16.06 -16.43 20.38
CA LEU B 95 16.84 -17.63 20.06
C LEU B 95 18.30 -17.44 20.38
N GLU B 96 18.65 -16.25 20.85
CA GLU B 96 20.04 -15.88 20.98
C GLU B 96 20.74 -16.53 22.18
N PRO B 97 20.09 -16.59 23.38
CA PRO B 97 20.77 -17.30 24.47
C PRO B 97 21.10 -18.77 24.15
N GLY B 98 20.19 -19.49 23.49
CA GLY B 98 20.40 -20.88 23.16
C GLY B 98 19.12 -21.50 22.62
N PRO B 99 19.16 -22.77 22.18
CA PRO B 99 18.04 -23.45 21.51
C PRO B 99 16.65 -23.43 22.20
N LEU B 100 15.71 -24.12 21.56
CA LEU B 100 14.30 -24.09 21.93
C LEU B 100 13.64 -25.42 21.62
N ASP B 101 12.70 -25.82 22.47
CA ASP B 101 12.07 -27.14 22.36
C ASP B 101 10.89 -27.14 21.40
N GLU B 102 10.58 -28.33 20.89
CA GLU B 102 9.55 -28.48 19.87
C GLU B 102 8.16 -27.97 20.27
N THR B 103 7.93 -27.66 21.54
CA THR B 103 6.67 -27.05 21.96
C THR B 103 6.69 -25.58 21.55
N GLN B 104 7.70 -24.87 22.06
CA GLN B 104 7.98 -23.49 21.66
C GLN B 104 7.94 -23.33 20.15
N ILE B 105 8.77 -24.10 19.44
CA ILE B 105 8.77 -24.13 17.97
C ILE B 105 7.39 -24.27 17.38
N ALA B 106 6.62 -25.23 17.87
CA ALA B 106 5.32 -25.52 17.31
C ALA B 106 4.32 -24.41 17.60
N THR B 107 4.30 -23.91 18.84
CA THR B 107 3.32 -22.89 19.21
C THR B 107 3.59 -21.62 18.42
N ILE B 108 4.87 -21.33 18.21
CA ILE B 108 5.27 -20.17 17.40
C ILE B 108 4.76 -20.30 15.98
N LEU B 109 5.08 -21.42 15.36
CA LEU B 109 4.59 -21.72 14.02
C LEU B 109 3.06 -21.78 13.97
N ARG B 110 2.42 -22.12 15.09
CA ARG B 110 0.97 -22.08 15.14
C ARG B 110 0.53 -20.63 14.99
N GLU B 111 0.98 -19.81 15.94
CA GLU B 111 0.66 -18.39 15.94
C GLU B 111 0.97 -17.69 14.64
N ILE B 112 2.03 -18.09 13.94
CA ILE B 112 2.39 -17.45 12.68
C ILE B 112 1.46 -17.89 11.56
N LEU B 113 1.08 -19.16 11.58
CA LEU B 113 0.17 -19.68 10.58
C LEU B 113 -1.22 -19.04 10.70
N LYS B 114 -1.57 -18.63 11.92
CA LYS B 114 -2.66 -17.68 12.10
C LYS B 114 -2.10 -16.28 11.80
N GLY B 115 -2.67 -15.57 10.83
CA GLY B 115 -1.97 -14.39 10.37
C GLY B 115 -1.53 -14.67 8.95
N LEU B 116 -0.65 -15.64 8.77
CA LEU B 116 -0.46 -16.20 7.44
C LEU B 116 -1.82 -16.61 6.84
N ASP B 117 -2.79 -16.92 7.71
CA ASP B 117 -4.12 -17.26 7.24
C ASP B 117 -5.00 -16.03 7.03
N TYR B 118 -4.96 -15.12 8.00
CA TYR B 118 -5.64 -13.84 7.88
C TYR B 118 -5.24 -13.11 6.60
N LEU B 119 -3.94 -13.14 6.31
CA LEU B 119 -3.38 -12.40 5.17
C LEU B 119 -3.82 -12.99 3.83
N HIS B 120 -3.59 -14.28 3.65
CA HIS B 120 -3.83 -14.96 2.37
C HIS B 120 -5.29 -15.02 1.97
N SER B 121 -6.17 -15.18 2.96
CA SER B 121 -7.58 -15.30 2.70
C SER B 121 -8.11 -14.04 2.00
N GLU B 122 -7.58 -12.86 2.36
CA GLU B 122 -7.96 -11.66 1.61
C GLU B 122 -6.89 -11.29 0.62
N LYS B 123 -6.16 -12.31 0.17
CA LYS B 123 -5.27 -12.22 -0.97
C LYS B 123 -4.10 -11.27 -0.74
N LYS B 124 -3.39 -11.43 0.37
CA LYS B 124 -2.20 -10.62 0.67
C LYS B 124 -0.99 -11.50 0.88
N ILE B 125 0.17 -11.06 0.40
CA ILE B 125 1.38 -11.81 0.65
C ILE B 125 2.27 -10.99 1.55
N HIS B 126 2.93 -11.65 2.49
CA HIS B 126 3.91 -10.98 3.35
C HIS B 126 5.26 -10.83 2.64
N ARG B 127 5.76 -11.93 2.05
CA ARG B 127 7.02 -12.01 1.27
C ARG B 127 8.35 -11.85 2.03
N ASP B 128 8.30 -11.46 3.30
CA ASP B 128 9.52 -11.31 4.10
C ASP B 128 9.39 -12.07 5.42
N ILE B 129 9.01 -13.34 5.33
CA ILE B 129 8.80 -14.17 6.52
C ILE B 129 10.12 -14.74 7.05
N LYS B 130 10.42 -14.43 8.31
CA LYS B 130 11.62 -14.92 9.00
C LYS B 130 11.53 -14.61 10.49
N ALA B 131 12.31 -15.31 11.30
CA ALA B 131 12.22 -15.13 12.75
C ALA B 131 12.45 -13.69 13.13
N ALA B 132 13.24 -12.98 12.34
CA ALA B 132 13.51 -11.57 12.60
C ALA B 132 12.24 -10.71 12.59
N ASN B 133 11.28 -11.05 11.73
CA ASN B 133 10.06 -10.26 11.59
C ASN B 133 8.89 -10.72 12.43
N VAL B 134 9.12 -11.74 13.26
CA VAL B 134 8.07 -12.20 14.16
C VAL B 134 8.29 -11.66 15.57
N LEU B 135 7.63 -10.54 15.88
CA LEU B 135 7.77 -9.90 17.17
C LEU B 135 6.89 -10.55 18.23
N LEU B 136 7.30 -10.46 19.49
CA LEU B 136 6.49 -10.91 20.63
C LEU B 136 6.08 -9.77 21.55
N SER B 137 4.94 -9.93 22.21
CA SER B 137 4.52 -8.97 23.22
C SER B 137 5.06 -9.41 24.57
N GLU B 138 5.06 -8.50 25.55
CA GLU B 138 5.47 -8.87 26.89
C GLU B 138 4.66 -10.07 27.40
N HIS B 139 3.37 -10.13 27.06
CA HIS B 139 2.52 -11.29 27.35
C HIS B 139 2.92 -12.54 26.56
N GLY B 140 3.91 -12.40 25.68
CA GLY B 140 4.37 -13.50 24.86
C GLY B 140 3.53 -13.81 23.63
N GLU B 141 2.65 -12.89 23.23
CA GLU B 141 1.84 -13.09 22.03
C GLU B 141 2.69 -12.86 20.78
N VAL B 142 2.37 -13.62 19.73
CA VAL B 142 3.21 -13.69 18.55
C VAL B 142 2.51 -13.04 17.35
N LYS B 143 3.15 -12.01 16.81
CA LYS B 143 2.55 -11.17 15.76
C LYS B 143 3.50 -10.97 14.58
N LEU B 144 2.94 -10.83 13.38
CA LEU B 144 3.72 -10.59 12.18
C LEU B 144 4.06 -9.11 12.01
N ALA B 145 5.21 -8.82 11.42
CA ALA B 145 5.68 -7.45 11.36
C ALA B 145 6.49 -7.21 10.11
N ASP B 146 7.10 -6.02 10.02
CA ASP B 146 7.64 -5.50 8.77
C ASP B 146 6.56 -5.47 7.70
N PHE B 147 6.83 -6.12 6.58
CA PHE B 147 6.07 -5.93 5.34
C PHE B 147 5.54 -4.49 5.19
N GLY B 148 6.38 -3.58 4.72
CA GLY B 148 7.74 -3.85 4.35
C GLY B 148 7.82 -4.02 2.86
N VAL B 149 7.40 -5.20 2.40
CA VAL B 149 7.35 -5.51 0.98
C VAL B 149 6.13 -6.38 0.66
N ALA B 150 5.11 -6.30 1.52
CA ALA B 150 3.87 -7.03 1.32
C ALA B 150 3.15 -6.62 0.05
N GLY B 151 2.87 -7.59 -0.80
CA GLY B 151 2.09 -7.36 -1.99
C GLY B 151 0.59 -7.58 -1.80
N GLN B 152 -0.20 -6.85 -2.57
CA GLN B 152 -1.62 -7.12 -2.67
C GLN B 152 -1.90 -7.83 -3.99
N LEU B 153 -2.78 -8.81 -3.95
CA LEU B 153 -3.18 -9.53 -5.16
C LEU B 153 -4.64 -9.18 -5.50
N THR B 154 -4.87 -8.61 -6.68
CA THR B 154 -6.22 -8.27 -7.11
C THR B 154 -6.84 -9.48 -7.83
N ASP B 155 -8.10 -9.36 -8.27
CA ASP B 155 -8.75 -10.48 -8.95
C ASP B 155 -8.21 -10.66 -10.38
N THR B 156 -7.73 -9.57 -10.97
CA THR B 156 -6.78 -9.62 -12.09
C THR B 156 -5.38 -9.44 -11.50
N GLN B 157 -4.34 -9.89 -12.19
CA GLN B 157 -2.97 -9.89 -11.64
C GLN B 157 -2.94 -10.81 -10.41
N ILE B 158 -3.29 -12.08 -10.61
CA ILE B 158 -3.34 -13.04 -9.52
C ILE B 158 -1.93 -13.46 -9.08
N LYS B 159 -1.12 -13.96 -9.99
CA LYS B 159 0.25 -14.30 -9.65
C LYS B 159 1.07 -13.02 -9.48
N ARG B 160 2.34 -13.16 -9.12
CA ARG B 160 3.20 -12.00 -8.91
C ARG B 160 4.55 -12.19 -9.60
N ASN B 161 5.11 -11.11 -10.14
CA ASN B 161 6.31 -11.17 -10.97
C ASN B 161 7.47 -10.28 -10.49
N GLU B 162 7.59 -10.10 -9.18
CA GLU B 162 8.58 -9.15 -8.64
C GLU B 162 9.78 -9.81 -7.98
N PHE B 163 10.58 -8.97 -7.33
CA PHE B 163 11.97 -9.26 -7.01
C PHE B 163 12.36 -8.99 -5.55
N VAL B 164 11.55 -9.45 -4.59
CA VAL B 164 11.75 -9.07 -3.19
C VAL B 164 11.94 -10.22 -2.19
N GLY B 165 12.18 -9.86 -0.93
CA GLY B 165 12.56 -10.81 0.12
C GLY B 165 14.06 -10.73 0.44
N THR B 166 14.46 -11.42 1.51
CA THR B 166 15.89 -11.56 1.85
C THR B 166 16.37 -12.92 1.35
N PRO B 167 17.62 -12.99 0.86
CA PRO B 167 18.11 -14.08 0.00
C PRO B 167 17.97 -15.53 0.52
N PHE B 168 18.26 -15.78 1.79
CA PHE B 168 18.21 -17.15 2.33
C PHE B 168 16.80 -17.69 2.50
N TRP B 169 15.85 -16.77 2.67
CA TRP B 169 14.46 -17.11 2.94
C TRP B 169 13.58 -17.10 1.69
N MET B 170 14.14 -16.73 0.55
CA MET B 170 13.35 -16.61 -0.67
C MET B 170 12.99 -17.97 -1.27
N ALA B 171 11.79 -18.01 -1.85
CA ALA B 171 11.25 -19.21 -2.46
C ALA B 171 11.69 -19.28 -3.91
N PRO B 172 12.16 -20.46 -4.35
CA PRO B 172 12.78 -20.68 -5.66
C PRO B 172 12.15 -19.87 -6.78
N GLU B 173 10.83 -19.74 -6.78
CA GLU B 173 10.13 -19.03 -7.84
C GLU B 173 10.32 -17.52 -7.74
N VAL B 174 10.45 -17.00 -6.53
CA VAL B 174 10.64 -15.55 -6.33
C VAL B 174 12.01 -15.11 -6.81
N ILE B 175 13.00 -15.98 -6.60
CA ILE B 175 14.38 -15.72 -7.03
C ILE B 175 14.47 -15.76 -8.54
N LYS B 176 13.76 -16.72 -9.14
CA LYS B 176 13.68 -16.85 -10.58
C LYS B 176 12.75 -15.78 -11.17
N GLN B 177 12.13 -14.97 -10.31
CA GLN B 177 11.20 -13.93 -10.73
C GLN B 177 10.04 -14.47 -11.55
N SER B 178 9.72 -15.74 -11.36
CA SER B 178 8.60 -16.36 -12.05
C SER B 178 7.27 -15.88 -11.47
N ALA B 179 6.21 -16.61 -11.76
CA ALA B 179 4.91 -16.30 -11.18
C ALA B 179 4.80 -16.96 -9.81
N TYR B 180 4.37 -16.18 -8.82
CA TYR B 180 4.16 -16.73 -7.48
C TYR B 180 2.98 -16.05 -6.77
N ASP B 181 2.40 -16.76 -5.82
CA ASP B 181 1.31 -16.24 -5.00
C ASP B 181 1.67 -16.43 -3.55
N SER B 182 0.68 -16.72 -2.72
CA SER B 182 0.89 -16.87 -1.29
C SER B 182 1.70 -18.11 -0.91
N LYS B 183 1.88 -19.02 -1.86
CA LYS B 183 2.64 -20.25 -1.60
C LYS B 183 4.12 -19.94 -1.33
N ALA B 184 4.58 -18.81 -1.85
CA ALA B 184 5.91 -18.29 -1.53
C ALA B 184 6.05 -18.05 -0.03
N ASP B 185 4.97 -17.62 0.62
CA ASP B 185 5.03 -17.35 2.04
C ASP B 185 5.15 -18.64 2.80
N ILE B 186 4.68 -19.73 2.21
CA ILE B 186 4.71 -21.04 2.86
C ILE B 186 6.11 -21.62 2.77
N TRP B 187 6.76 -21.43 1.63
CA TRP B 187 8.17 -21.77 1.53
C TRP B 187 8.93 -21.09 2.66
N SER B 188 8.86 -19.76 2.69
CA SER B 188 9.61 -18.97 3.66
C SER B 188 9.32 -19.42 5.09
N LEU B 189 8.10 -19.90 5.33
CA LEU B 189 7.76 -20.44 6.65
C LEU B 189 8.61 -21.68 6.94
N GLY B 190 8.77 -22.52 5.92
CA GLY B 190 9.61 -23.71 6.05
C GLY B 190 10.98 -23.34 6.59
N ILE B 191 11.66 -22.46 5.86
CA ILE B 191 12.98 -22.00 6.26
C ILE B 191 12.93 -21.29 7.62
N THR B 192 11.79 -20.71 7.97
CA THR B 192 11.64 -20.12 9.31
C THR B 192 11.64 -21.21 10.40
N ALA B 193 11.06 -22.37 10.06
CA ALA B 193 11.04 -23.49 11.00
C ALA B 193 12.45 -24.00 11.28
N ILE B 194 13.25 -24.16 10.21
CA ILE B 194 14.68 -24.53 10.32
C ILE B 194 15.47 -23.52 11.13
N GLU B 195 15.20 -22.24 10.89
CA GLU B 195 15.82 -21.16 11.64
C GLU B 195 15.48 -21.26 13.12
N LEU B 196 14.21 -21.55 13.43
CA LEU B 196 13.78 -21.69 14.82
C LEU B 196 14.40 -22.91 15.52
N ALA B 197 14.80 -23.89 14.72
CA ALA B 197 15.39 -25.14 15.21
C ALA B 197 16.92 -25.07 15.30
N ARG B 198 17.56 -25.10 14.13
CA ARG B 198 19.01 -25.00 14.02
C ARG B 198 19.55 -23.58 14.24
N GLY B 199 18.71 -22.66 14.72
CA GLY B 199 19.15 -21.32 15.07
C GLY B 199 19.58 -20.42 13.92
N GLU B 200 19.62 -20.96 12.71
CA GLU B 200 20.06 -20.24 11.53
C GLU B 200 19.60 -21.01 10.28
N PRO B 201 19.34 -20.31 9.17
CA PRO B 201 18.77 -20.92 7.95
C PRO B 201 19.75 -21.77 7.11
N PRO B 202 19.25 -22.45 6.07
CA PRO B 202 20.05 -23.09 5.03
C PRO B 202 21.06 -22.18 4.34
N HIS B 203 22.35 -22.54 4.45
CA HIS B 203 23.49 -21.81 3.88
C HIS B 203 23.69 -20.45 4.52
N SER B 204 23.73 -20.40 5.85
CA SER B 204 23.96 -19.16 6.60
C SER B 204 25.34 -18.58 6.36
N GLU B 205 26.25 -19.47 5.98
CA GLU B 205 27.68 -19.18 5.91
C GLU B 205 28.06 -18.74 4.51
N LEU B 206 27.21 -19.07 3.54
CA LEU B 206 27.47 -18.71 2.17
C LEU B 206 27.25 -17.25 1.90
N HIS B 207 27.66 -16.82 0.71
CA HIS B 207 27.42 -15.46 0.25
C HIS B 207 26.04 -15.38 -0.38
N PRO B 208 25.30 -14.29 -0.09
CA PRO B 208 24.08 -13.90 -0.78
C PRO B 208 24.05 -14.22 -2.28
N MET B 209 25.06 -13.80 -3.06
CA MET B 209 25.08 -14.06 -4.50
C MET B 209 25.21 -15.53 -4.84
N LYS B 210 25.75 -16.32 -3.92
CA LYS B 210 25.83 -17.74 -4.14
C LYS B 210 24.41 -18.29 -4.03
N VAL B 211 23.79 -18.15 -2.86
CA VAL B 211 22.48 -18.77 -2.58
C VAL B 211 21.33 -18.30 -3.49
N LEU B 212 21.60 -17.36 -4.38
CA LEU B 212 20.61 -16.95 -5.37
C LEU B 212 20.78 -17.78 -6.64
N PHE B 213 21.96 -18.40 -6.77
CA PHE B 213 22.19 -19.41 -7.80
C PHE B 213 21.79 -20.76 -7.19
N LEU B 214 22.09 -20.96 -5.91
CA LEU B 214 21.82 -22.22 -5.21
C LEU B 214 20.34 -22.58 -5.09
N ILE B 215 19.58 -21.73 -4.41
CA ILE B 215 18.17 -22.02 -4.10
C ILE B 215 17.38 -22.57 -5.32
N PRO B 216 17.50 -21.95 -6.51
CA PRO B 216 16.72 -22.54 -7.61
C PRO B 216 17.28 -23.84 -8.19
N LYS B 217 18.60 -23.97 -8.33
CA LYS B 217 19.18 -25.18 -8.91
C LYS B 217 19.03 -26.35 -7.95
N ASN B 218 19.38 -26.16 -6.70
CA ASN B 218 19.48 -27.28 -5.78
C ASN B 218 18.17 -27.80 -5.23
N ASN B 219 18.27 -28.94 -4.57
CA ASN B 219 17.16 -29.54 -3.87
C ASN B 219 16.73 -28.71 -2.68
N PRO B 220 15.45 -28.79 -2.31
CA PRO B 220 14.99 -28.26 -1.03
C PRO B 220 15.85 -28.73 0.14
N PRO B 221 15.99 -27.89 1.18
CA PRO B 221 16.75 -28.21 2.41
C PRO B 221 15.94 -29.04 3.38
N THR B 222 16.59 -29.78 4.29
CA THR B 222 15.87 -30.61 5.26
C THR B 222 16.32 -30.38 6.69
N LEU B 223 15.44 -30.65 7.65
CA LEU B 223 15.84 -30.63 9.04
C LEU B 223 16.77 -31.82 9.32
N GLU B 224 18.06 -31.54 9.50
CA GLU B 224 19.04 -32.60 9.79
C GLU B 224 19.55 -32.46 11.23
N GLY B 225 19.37 -33.53 12.01
CA GLY B 225 19.78 -33.54 13.41
C GLY B 225 18.76 -34.27 14.27
N ASN B 226 18.91 -34.12 15.58
CA ASN B 226 18.02 -34.77 16.54
C ASN B 226 16.67 -34.06 16.68
N TYR B 227 15.85 -34.15 15.63
CA TYR B 227 14.53 -33.49 15.62
C TYR B 227 13.43 -34.48 15.19
N SER B 228 12.29 -34.41 15.87
CA SER B 228 11.21 -35.39 15.66
C SER B 228 10.69 -35.44 14.22
N LYS B 229 10.39 -36.65 13.75
CA LYS B 229 9.86 -36.85 12.40
C LYS B 229 8.54 -36.12 12.08
N PRO B 230 7.72 -35.77 13.10
CA PRO B 230 6.58 -34.88 12.82
C PRO B 230 6.95 -33.61 12.04
N LEU B 231 8.11 -33.03 12.34
CA LEU B 231 8.48 -31.78 11.72
C LEU B 231 9.33 -31.96 10.47
N LYS B 232 10.22 -32.97 10.46
CA LYS B 232 11.11 -33.17 9.32
C LYS B 232 10.30 -33.28 8.03
N GLU B 233 9.14 -33.93 8.13
CA GLU B 233 8.23 -34.08 6.98
C GLU B 233 7.16 -32.98 6.97
N PHE B 234 7.22 -32.10 7.98
CA PHE B 234 6.42 -30.87 8.01
C PHE B 234 7.09 -29.79 7.18
N VAL B 235 8.33 -29.49 7.55
CA VAL B 235 9.14 -28.57 6.77
C VAL B 235 9.23 -29.08 5.33
N GLU B 236 9.16 -30.40 5.14
CA GLU B 236 9.27 -31.00 3.81
C GLU B 236 8.00 -30.73 3.01
N ALA B 237 6.90 -30.46 3.72
CA ALA B 237 5.66 -30.06 3.08
C ALA B 237 5.84 -28.69 2.43
N CYS B 238 6.37 -27.76 3.22
CA CYS B 238 6.68 -26.40 2.81
C CYS B 238 7.82 -26.34 1.77
N LEU B 239 9.01 -26.78 2.19
CA LEU B 239 10.17 -26.79 1.31
C LEU B 239 10.03 -27.81 0.19
N ASN B 240 9.30 -27.41 -0.84
CA ASN B 240 9.03 -28.24 -1.99
C ASN B 240 9.18 -27.32 -3.18
N LYS B 241 10.07 -27.65 -4.12
CA LYS B 241 10.36 -26.68 -5.17
C LYS B 241 9.11 -26.35 -5.99
N GLU B 242 8.12 -27.23 -5.96
CA GLU B 242 6.86 -26.93 -6.63
C GLU B 242 5.87 -26.25 -5.71
N PRO B 243 5.58 -24.96 -5.96
CA PRO B 243 4.62 -24.16 -5.19
C PRO B 243 3.30 -24.87 -4.94
N SER B 244 2.51 -25.10 -5.99
CA SER B 244 1.14 -25.63 -5.87
C SER B 244 1.07 -26.93 -5.10
N PHE B 245 2.21 -27.61 -5.00
CA PHE B 245 2.32 -28.81 -4.19
C PHE B 245 2.69 -28.51 -2.72
N ARG B 246 2.78 -27.22 -2.38
CA ARG B 246 2.95 -26.79 -0.99
C ARG B 246 1.59 -26.58 -0.38
N PRO B 247 1.41 -27.02 0.87
CA PRO B 247 0.17 -26.86 1.65
C PRO B 247 -0.30 -25.41 1.74
N THR B 248 -1.52 -25.18 2.19
CA THR B 248 -1.97 -23.82 2.46
C THR B 248 -1.71 -23.52 3.91
N ALA B 249 -1.84 -22.25 4.28
CA ALA B 249 -1.68 -21.87 5.66
C ALA B 249 -2.75 -22.53 6.52
N LYS B 250 -3.91 -22.80 5.92
CA LYS B 250 -5.03 -23.44 6.64
C LYS B 250 -4.70 -24.86 7.12
N GLU B 251 -4.28 -25.73 6.21
CA GLU B 251 -4.04 -27.13 6.57
C GLU B 251 -2.76 -27.35 7.37
N LEU B 252 -1.78 -26.49 7.18
CA LEU B 252 -0.56 -26.59 7.96
C LEU B 252 -0.85 -26.36 9.45
N LEU B 253 -1.98 -25.71 9.73
CA LEU B 253 -2.48 -25.59 11.08
C LEU B 253 -3.03 -26.92 11.61
N LYS B 254 -3.49 -27.77 10.69
CA LYS B 254 -3.98 -29.12 11.01
C LYS B 254 -2.83 -30.12 11.20
N HIS B 255 -1.67 -29.81 10.61
CA HIS B 255 -0.52 -30.72 10.57
C HIS B 255 -0.08 -31.22 11.95
N LYS B 256 0.35 -32.49 11.95
CA LYS B 256 0.68 -33.24 13.15
C LYS B 256 1.58 -32.49 14.12
N PHE B 257 2.58 -31.81 13.59
CA PHE B 257 3.61 -31.21 14.43
C PHE B 257 3.11 -30.07 15.33
N ILE B 258 2.23 -29.23 14.78
CA ILE B 258 1.73 -28.07 15.53
C ILE B 258 1.04 -28.57 16.79
N LEU B 259 0.33 -29.69 16.64
CA LEU B 259 -0.51 -30.25 17.70
C LEU B 259 0.26 -31.07 18.76
N ARG B 260 1.59 -30.98 18.73
CA ARG B 260 2.42 -31.60 19.75
C ARG B 260 3.78 -30.88 19.88
N ASN B 261 3.84 -29.85 20.73
CA ASN B 261 2.70 -29.45 21.57
C ASN B 261 2.20 -28.03 21.30
N ALA B 262 0.89 -27.94 21.03
CA ALA B 262 0.21 -26.66 20.79
C ALA B 262 -0.19 -25.99 22.10
N LYS B 263 0.74 -25.94 23.04
CA LYS B 263 0.49 -25.34 24.34
C LYS B 263 0.12 -23.87 24.16
N LYS B 264 -0.78 -23.37 25.00
CA LYS B 264 -1.24 -21.99 24.88
C LYS B 264 -0.07 -21.02 24.96
N THR B 265 -0.32 -19.76 24.61
CA THR B 265 0.69 -18.71 24.68
C THR B 265 1.05 -18.44 26.14
N SER B 266 1.59 -17.26 26.43
CA SER B 266 2.00 -16.89 27.80
C SER B 266 3.05 -17.84 28.39
N TYR B 267 2.99 -19.10 27.98
CA TYR B 267 3.99 -20.11 28.33
C TYR B 267 5.30 -19.87 27.57
N LEU B 268 5.42 -18.68 26.99
CA LEU B 268 6.64 -18.28 26.29
C LEU B 268 7.26 -17.13 27.02
N THR B 269 6.57 -16.66 28.05
CA THR B 269 7.07 -15.57 28.88
C THR B 269 8.39 -16.01 29.52
N GLU B 270 8.64 -17.32 29.51
CA GLU B 270 9.94 -17.86 29.91
C GLU B 270 11.06 -17.30 29.04
N LEU B 271 10.85 -17.41 27.73
CA LEU B 271 11.85 -17.07 26.73
C LEU B 271 12.32 -15.62 26.78
N ILE B 272 11.41 -14.73 27.13
CA ILE B 272 11.68 -13.29 27.26
C ILE B 272 12.47 -12.95 28.56
N ASP B 273 12.14 -13.62 29.67
CA ASP B 273 12.95 -13.54 30.89
C ASP B 273 14.33 -14.10 30.59
N ARG B 274 14.31 -15.36 30.18
CA ARG B 274 15.46 -16.09 29.66
C ARG B 274 16.36 -15.21 28.79
N TYR B 275 15.75 -14.30 28.04
CA TYR B 275 16.48 -13.36 27.20
C TYR B 275 16.82 -12.08 27.96
N LYS B 276 15.97 -11.66 28.88
CA LYS B 276 16.20 -10.42 29.63
C LYS B 276 17.40 -10.59 30.58
N ARG B 277 17.55 -11.81 31.12
CA ARG B 277 18.69 -12.17 31.97
C ARG B 277 19.97 -12.27 31.12
N TRP B 278 19.90 -13.09 30.07
CA TRP B 278 21.03 -13.32 29.15
C TRP B 278 21.66 -12.02 28.64
N LYS B 279 20.83 -11.00 28.51
CA LYS B 279 21.25 -9.72 27.92
C LYS B 279 22.09 -8.90 28.90
N ALA B 280 21.60 -8.74 30.13
CA ALA B 280 22.30 -7.93 31.14
C ALA B 280 23.55 -8.65 31.66
N GLU B 281 23.66 -9.95 31.36
CA GLU B 281 24.75 -10.82 31.83
C GLU B 281 26.13 -10.19 31.77
N ASP C 1 22.40 33.92 -7.21
CA ASP C 1 21.04 33.54 -7.59
C ASP C 1 20.65 34.11 -8.97
N TRP C 2 19.49 33.68 -9.50
CA TRP C 2 19.07 33.96 -10.89
C TRP C 2 18.77 35.44 -11.15
N ILE C 3 18.68 35.82 -12.43
CA ILE C 3 18.42 37.20 -12.80
C ILE C 3 16.93 37.44 -13.10
N PHE C 4 16.21 37.93 -12.09
CA PHE C 4 14.75 38.03 -12.15
C PHE C 4 14.15 39.36 -11.62
N GLU C 5 14.24 40.49 -12.33
CA GLU C 5 15.06 40.73 -13.51
C GLU C 5 15.25 42.25 -13.69
PB ADP D . 13.05 -2.60 8.54
O1B ADP D . 12.06 -2.80 7.41
O2B ADP D . 13.94 -3.79 8.80
O3B ADP D . 13.79 -1.29 8.45
PA ADP D . 11.35 -3.55 10.63
O1A ADP D . 9.87 -3.24 10.66
O2A ADP D . 11.89 -4.86 10.11
O3A ADP D . 12.16 -2.38 9.88
O5' ADP D . 11.86 -3.34 12.14
C5' ADP D . 13.08 -3.90 12.61
C4' ADP D . 13.12 -4.00 14.13
O4' ADP D . 12.51 -2.87 14.76
C3' ADP D . 12.36 -5.22 14.64
O3' ADP D . 13.16 -6.40 14.63
C2' ADP D . 12.03 -4.78 16.04
O2' ADP D . 13.19 -5.12 16.82
C1' ADP D . 11.84 -3.27 15.97
N9 ADP D . 10.36 -3.00 15.91
C8 ADP D . 9.66 -2.61 14.82
N7 ADP D . 8.34 -2.48 15.09
C5 ADP D . 8.16 -2.79 16.37
C6 ADP D . 7.02 -2.87 17.30
N6 ADP D . 5.76 -2.57 16.88
N1 ADP D . 7.25 -3.24 18.57
C2 ADP D . 8.49 -3.53 19.01
N3 ADP D . 9.58 -3.50 18.22
C4 ADP D . 9.49 -3.14 16.92
MN MN E . 12.36 -6.40 9.37
#